data_8C5N
#
_entry.id   8C5N
#
_cell.length_a   31.600
_cell.length_b   54.560
_cell.length_c   47.980
_cell.angle_alpha   90.000
_cell.angle_beta   99.246
_cell.angle_gamma   90.000
#
_symmetry.space_group_name_H-M   'P 1 21 1'
#
loop_
_entity.id
_entity.type
_entity.pdbx_description
1 polymer 'Chitin-binding protein CbpD'
2 non-polymer 'CHLORIDE ION'
3 water water
#
_entity_poly.entity_id   1
_entity_poly.type   'polypeptide(L)'
_entity_poly.pdbx_seq_one_letter_code
;HGSMETPPSRVYGCFLEGPENPKSAACKAAVAAGGTQALYDWNGVNQGNANGNHQAVVPDGQLCGAGKALFKGLNLARSD
WPSTAIAPDASGNFQFVYKASAPHATRYFDFYITKDGYNPEKPLAWSDLEPAPFCSITSVKLENGTYRMNCPLPQGKTGK
HVIYNVWQRSDSPEAFYACIDVSFSGAHHHHHH
;
_entity_poly.pdbx_strand_id   A
#
loop_
_chem_comp.id
_chem_comp.type
_chem_comp.name
_chem_comp.formula
CL non-polymer 'CHLORIDE ION' 'Cl -1'
#
# COMPACT_ATOMS: atom_id res chain seq x y z
N HIS A 1 2.60 -3.79 -13.10
CA HIS A 1 1.57 -2.80 -12.71
C HIS A 1 0.42 -3.43 -11.92
N GLY A 2 -0.17 -2.61 -11.04
CA GLY A 2 -1.32 -3.03 -10.28
C GLY A 2 -1.37 -2.29 -8.96
N SER A 3 -2.30 -2.72 -8.10
CA SER A 3 -2.33 -2.26 -6.71
C SER A 3 -3.25 -3.21 -5.94
N MET A 4 -3.33 -3.01 -4.61
CA MET A 4 -4.21 -3.85 -3.80
C MET A 4 -5.66 -3.44 -3.98
N GLU A 5 -6.53 -4.46 -4.19
CA GLU A 5 -7.97 -4.24 -4.25
C GLU A 5 -8.72 -4.74 -3.00
N THR A 6 -8.23 -5.79 -2.34
CA THR A 6 -8.76 -6.21 -1.04
C THR A 6 -7.64 -6.22 -0.05
N PRO A 7 -7.66 -5.36 0.98
CA PRO A 7 -8.44 -4.11 1.03
C PRO A 7 -7.95 -3.15 -0.06
N PRO A 8 -8.73 -2.13 -0.40
N PRO A 8 -8.72 -2.07 -0.32
CA PRO A 8 -8.25 -1.18 -1.38
CA PRO A 8 -8.24 -1.09 -1.29
C PRO A 8 -7.07 -0.39 -0.87
C PRO A 8 -6.95 -0.42 -0.82
N SER A 9 -6.06 -0.25 -1.75
N SER A 9 -5.98 -0.23 -1.73
CA SER A 9 -4.91 0.58 -1.39
CA SER A 9 -4.85 0.62 -1.42
C SER A 9 -5.33 2.07 -1.37
C SER A 9 -5.32 2.08 -1.36
N ARG A 10 -4.42 2.90 -0.84
CA ARG A 10 -4.71 4.33 -0.74
C ARG A 10 -4.94 4.94 -2.13
N VAL A 11 -4.04 4.64 -3.07
CA VAL A 11 -4.17 5.22 -4.41
C VAL A 11 -5.38 4.68 -5.12
N TYR A 12 -5.62 3.33 -5.02
CA TYR A 12 -6.71 2.74 -5.77
C TYR A 12 -8.07 3.19 -5.19
N GLY A 13 -8.15 3.31 -3.85
CA GLY A 13 -9.37 3.83 -3.23
C GLY A 13 -9.73 5.19 -3.77
N CYS A 14 -8.73 6.08 -3.88
CA CYS A 14 -9.03 7.39 -4.41
C CYS A 14 -9.44 7.31 -5.90
N PHE A 15 -8.75 6.51 -6.69
CA PHE A 15 -9.19 6.33 -8.07
C PHE A 15 -10.63 5.87 -8.15
N LEU A 16 -11.04 4.93 -7.32
CA LEU A 16 -12.39 4.35 -7.34
C LEU A 16 -13.42 5.37 -6.96
N GLU A 17 -13.10 6.39 -6.21
CA GLU A 17 -14.03 7.51 -5.91
C GLU A 17 -14.37 8.28 -7.18
N GLY A 18 -13.52 8.27 -8.18
CA GLY A 18 -13.64 9.02 -9.43
C GLY A 18 -12.75 10.24 -9.39
N PRO A 19 -11.65 10.25 -10.19
CA PRO A 19 -10.69 11.36 -10.11
C PRO A 19 -11.29 12.72 -10.39
N GLU A 20 -12.33 12.79 -11.21
CA GLU A 20 -12.96 14.08 -11.50
C GLU A 20 -13.85 14.56 -10.41
N ASN A 21 -14.22 13.68 -9.45
N ASN A 21 -14.24 13.72 -9.44
CA ASN A 21 -15.20 13.98 -8.42
CA ASN A 21 -15.11 14.19 -8.37
C ASN A 21 -14.86 13.31 -7.09
C ASN A 21 -14.86 13.37 -7.11
N PRO A 22 -13.67 13.53 -6.53
CA PRO A 22 -13.31 12.86 -5.29
C PRO A 22 -14.31 13.22 -4.22
N LYS A 23 -14.60 12.26 -3.33
CA LYS A 23 -15.60 12.43 -2.24
C LYS A 23 -14.95 12.63 -0.90
N SER A 24 -13.96 11.84 -0.57
CA SER A 24 -13.35 11.94 0.74
C SER A 24 -12.46 13.17 0.86
N ALA A 25 -12.34 13.69 2.05
CA ALA A 25 -11.51 14.84 2.26
C ALA A 25 -10.07 14.54 1.83
N ALA A 26 -9.56 13.35 2.18
CA ALA A 26 -8.18 13.03 1.84
C ALA A 26 -7.98 12.93 0.31
N CYS A 27 -8.88 12.26 -0.39
CA CYS A 27 -8.70 12.14 -1.84
C CYS A 27 -8.86 13.51 -2.53
N LYS A 28 -9.77 14.35 -2.03
N LYS A 28 -9.81 14.33 -2.07
CA LYS A 28 -9.87 15.71 -2.56
CA LYS A 28 -9.89 15.71 -2.58
C LYS A 28 -8.53 16.42 -2.36
C LYS A 28 -8.56 16.44 -2.36
N ALA A 29 -7.95 16.30 -1.17
CA ALA A 29 -6.70 16.96 -0.88
C ALA A 29 -5.57 16.42 -1.73
N ALA A 30 -5.57 15.11 -2.01
CA ALA A 30 -4.55 14.51 -2.87
C ALA A 30 -4.63 15.09 -4.28
N VAL A 31 -5.81 15.25 -4.79
CA VAL A 31 -6.02 15.82 -6.15
C VAL A 31 -5.61 17.29 -6.14
N ALA A 32 -5.96 18.02 -5.12
CA ALA A 32 -5.53 19.44 -5.01
C ALA A 32 -4.01 19.58 -4.99
N ALA A 33 -3.32 18.60 -4.39
CA ALA A 33 -1.85 18.71 -4.21
C ALA A 33 -1.07 18.21 -5.44
N GLY A 34 -1.61 17.23 -6.17
CA GLY A 34 -0.86 16.53 -7.23
C GLY A 34 -1.62 16.26 -8.50
N GLY A 35 -2.90 16.63 -8.58
CA GLY A 35 -3.66 16.48 -9.81
C GLY A 35 -4.25 15.11 -9.98
N THR A 36 -5.19 15.03 -10.93
CA THR A 36 -5.83 13.77 -11.26
C THR A 36 -4.89 12.76 -11.91
N GLN A 37 -3.78 13.22 -12.47
CA GLN A 37 -2.91 12.28 -13.21
C GLN A 37 -2.37 11.17 -12.33
N ALA A 38 -2.15 11.44 -11.05
CA ALA A 38 -1.71 10.39 -10.11
C ALA A 38 -2.76 9.29 -10.01
N LEU A 39 -4.04 9.67 -9.97
CA LEU A 39 -5.09 8.68 -9.85
C LEU A 39 -5.30 7.92 -11.18
N TYR A 40 -5.24 8.63 -12.32
CA TYR A 40 -5.32 7.91 -13.58
C TYR A 40 -4.23 6.88 -13.72
N ASP A 41 -3.05 7.16 -13.14
CA ASP A 41 -1.92 6.24 -13.14
C ASP A 41 -1.82 5.44 -11.86
N TRP A 42 -2.96 5.05 -11.27
CA TRP A 42 -2.97 4.37 -9.97
C TRP A 42 -2.19 3.07 -9.96
N ASN A 43 -2.09 2.39 -11.12
N ASN A 43 -2.10 2.41 -11.14
CA ASN A 43 -1.43 1.09 -11.19
CA ASN A 43 -1.42 1.12 -11.23
C ASN A 43 0.07 1.21 -11.46
C ASN A 43 0.09 1.20 -11.38
N GLY A 44 0.64 2.44 -11.38
CA GLY A 44 2.03 2.67 -11.69
C GLY A 44 2.87 3.23 -10.58
N VAL A 45 2.59 2.88 -9.31
CA VAL A 45 3.40 3.39 -8.20
C VAL A 45 4.61 2.48 -8.03
N ASN A 46 5.67 2.79 -8.82
N ASN A 46 5.68 2.81 -8.79
CA ASN A 46 6.82 1.92 -9.01
CA ASN A 46 6.79 1.89 -8.94
C ASN A 46 8.14 2.64 -8.69
C ASN A 46 8.13 2.60 -8.81
N GLN A 47 9.19 1.80 -8.57
CA GLN A 47 10.58 2.25 -8.71
C GLN A 47 11.26 1.25 -9.60
N GLY A 48 11.80 1.73 -10.74
CA GLY A 48 12.34 0.83 -11.74
C GLY A 48 13.55 0.03 -11.33
N ASN A 49 14.36 0.60 -10.50
CA ASN A 49 15.64 -0.01 -10.11
C ASN A 49 15.72 -0.32 -8.60
N ALA A 50 14.59 -0.69 -8.02
CA ALA A 50 14.59 -1.06 -6.60
C ALA A 50 15.53 -2.23 -6.36
N ASN A 51 15.36 -3.34 -7.11
CA ASN A 51 16.22 -4.51 -6.95
C ASN A 51 16.34 -4.96 -5.51
N GLY A 52 15.23 -4.96 -4.77
CA GLY A 52 15.22 -5.45 -3.41
C GLY A 52 15.70 -4.45 -2.34
N ASN A 53 16.20 -3.30 -2.74
CA ASN A 53 16.67 -2.26 -1.84
C ASN A 53 15.72 -1.08 -1.98
N HIS A 54 14.67 -1.08 -1.16
CA HIS A 54 13.61 -0.11 -1.30
C HIS A 54 13.93 1.21 -0.58
N GLN A 55 14.70 1.16 0.52
CA GLN A 55 15.06 2.43 1.18
C GLN A 55 15.99 3.25 0.29
N ALA A 56 16.71 2.64 -0.64
CA ALA A 56 17.54 3.42 -1.57
C ALA A 56 16.71 4.34 -2.46
N VAL A 57 15.49 3.88 -2.80
CA VAL A 57 14.70 4.53 -3.86
C VAL A 57 13.40 5.13 -3.35
N VAL A 58 12.96 4.86 -2.14
CA VAL A 58 11.72 5.40 -1.59
C VAL A 58 12.09 6.20 -0.33
N PRO A 59 12.23 7.52 -0.44
N PRO A 59 12.15 7.52 -0.48
CA PRO A 59 12.58 8.37 0.71
CA PRO A 59 12.69 8.33 0.64
C PRO A 59 11.53 8.38 1.80
C PRO A 59 11.65 8.46 1.75
N ASP A 60 12.03 8.59 3.02
CA ASP A 60 11.14 8.81 4.13
C ASP A 60 10.22 10.05 3.88
N GLY A 61 8.99 9.90 4.35
CA GLY A 61 7.97 10.91 4.09
C GLY A 61 7.27 10.73 2.76
N GLN A 62 7.79 9.81 1.91
N GLN A 62 7.76 9.79 1.96
CA GLN A 62 7.23 9.65 0.58
CA GLN A 62 7.35 9.59 0.57
C GLN A 62 6.92 8.19 0.28
C GLN A 62 7.08 8.12 0.28
N LEU A 63 6.71 7.37 1.32
CA LEU A 63 6.46 5.94 1.11
C LEU A 63 5.24 5.72 0.23
N CYS A 64 4.12 6.38 0.52
CA CYS A 64 2.92 6.04 -0.22
C CYS A 64 2.98 6.46 -1.69
N GLY A 65 3.78 7.50 -2.01
CA GLY A 65 4.03 7.88 -3.38
C GLY A 65 5.27 7.29 -3.99
N ALA A 66 5.92 6.38 -3.27
CA ALA A 66 7.13 5.70 -3.69
C ALA A 66 8.24 6.66 -4.12
N GLY A 67 8.29 7.86 -3.50
CA GLY A 67 9.33 8.81 -3.88
C GLY A 67 9.14 9.46 -5.22
N LYS A 68 7.96 9.33 -5.78
N LYS A 68 8.03 9.26 -5.89
CA LYS A 68 7.75 9.90 -7.11
CA LYS A 68 7.70 9.77 -7.22
C LYS A 68 6.93 11.18 -7.09
C LYS A 68 7.00 11.12 -7.10
N ALA A 69 7.46 12.15 -7.83
CA ALA A 69 6.77 13.42 -7.91
C ALA A 69 5.33 13.23 -8.37
N LEU A 70 5.05 12.32 -9.31
CA LEU A 70 3.71 12.13 -9.80
C LEU A 70 2.75 11.87 -8.65
N PHE A 71 3.18 11.11 -7.65
CA PHE A 71 2.31 10.60 -6.59
C PHE A 71 2.44 11.35 -5.27
N LYS A 72 2.98 12.59 -5.30
N LYS A 72 2.96 12.59 -5.31
CA LYS A 72 3.21 13.30 -4.03
CA LYS A 72 3.20 13.38 -4.11
C LYS A 72 1.93 13.49 -3.21
C LYS A 72 1.95 13.55 -3.25
N GLY A 73 0.78 13.62 -3.87
CA GLY A 73 -0.45 13.79 -3.13
C GLY A 73 -0.82 12.63 -2.19
N LEU A 74 -0.22 11.46 -2.40
CA LEU A 74 -0.45 10.32 -1.52
C LEU A 74 0.30 10.43 -0.20
N ASN A 75 1.21 11.39 -0.07
CA ASN A 75 2.08 11.46 1.10
C ASN A 75 1.54 12.38 2.19
N LEU A 76 0.40 13.04 1.97
CA LEU A 76 -0.14 13.97 2.98
C LEU A 76 -0.28 13.25 4.32
N ALA A 77 0.17 13.95 5.37
CA ALA A 77 0.21 13.38 6.73
C ALA A 77 -1.12 13.75 7.41
N ARG A 78 -2.17 13.02 7.10
CA ARG A 78 -3.52 13.24 7.52
C ARG A 78 -4.07 12.01 8.21
N SER A 79 -4.97 12.18 9.18
CA SER A 79 -5.60 11.03 9.84
C SER A 79 -6.80 10.46 9.10
N ASP A 80 -7.23 11.13 8.00
CA ASP A 80 -8.48 10.81 7.37
C ASP A 80 -8.35 10.03 6.08
N TRP A 81 -7.18 9.42 5.78
CA TRP A 81 -7.12 8.53 4.65
C TRP A 81 -8.12 7.39 4.87
N PRO A 82 -9.07 7.14 3.96
CA PRO A 82 -10.11 6.15 4.25
C PRO A 82 -9.51 4.77 4.53
N SER A 83 -9.98 4.16 5.60
CA SER A 83 -9.45 2.86 6.02
C SER A 83 -10.50 1.80 6.01
N THR A 84 -10.01 0.55 5.92
CA THR A 84 -10.85 -0.64 5.99
C THR A 84 -10.60 -1.36 7.32
N ALA A 85 -11.65 -1.69 8.05
CA ALA A 85 -11.55 -2.51 9.25
C ALA A 85 -11.35 -3.94 8.85
N ILE A 86 -10.24 -4.53 9.28
CA ILE A 86 -9.91 -5.88 8.87
C ILE A 86 -9.69 -6.79 10.08
N ALA A 87 -9.86 -8.07 9.84
CA ALA A 87 -9.66 -9.11 10.84
C ALA A 87 -9.41 -10.40 10.07
N PRO A 88 -8.71 -11.38 10.61
N PRO A 88 -8.61 -11.35 10.60
CA PRO A 88 -8.55 -12.66 9.89
CA PRO A 88 -8.51 -12.72 10.11
C PRO A 88 -9.92 -13.34 9.88
C PRO A 88 -9.86 -13.39 9.94
N ASP A 89 -10.03 -14.29 8.93
CA ASP A 89 -11.14 -15.22 8.95
C ASP A 89 -10.82 -16.33 9.96
N ALA A 90 -11.69 -17.35 10.04
CA ALA A 90 -11.52 -18.39 11.06
C ALA A 90 -10.30 -19.26 10.83
N SER A 91 -9.67 -19.16 9.64
CA SER A 91 -8.39 -19.82 9.47
C SER A 91 -7.23 -19.20 10.23
N GLY A 92 -7.43 -17.97 10.67
CA GLY A 92 -6.36 -17.17 11.31
C GLY A 92 -5.60 -16.32 10.33
N ASN A 93 -5.92 -16.38 9.03
CA ASN A 93 -5.31 -15.55 7.99
C ASN A 93 -6.33 -14.57 7.43
N PHE A 94 -5.80 -13.52 6.79
CA PHE A 94 -6.54 -12.59 6.00
C PHE A 94 -6.17 -12.81 4.53
N GLN A 95 -7.16 -12.83 3.64
CA GLN A 95 -6.98 -12.99 2.21
C GLN A 95 -6.83 -11.63 1.53
N PHE A 96 -5.58 -11.23 1.23
CA PHE A 96 -5.31 -10.06 0.40
C PHE A 96 -5.62 -10.42 -1.05
N VAL A 97 -6.11 -9.41 -1.83
CA VAL A 97 -6.32 -9.61 -3.24
C VAL A 97 -5.64 -8.43 -3.97
N TYR A 98 -4.65 -8.74 -4.78
CA TYR A 98 -3.90 -7.75 -5.55
C TYR A 98 -4.42 -7.78 -7.00
N LYS A 99 -4.78 -6.59 -7.52
N LYS A 99 -4.70 -6.55 -7.46
CA LYS A 99 -5.23 -6.45 -8.90
CA LYS A 99 -5.08 -6.36 -8.84
C LYS A 99 -3.96 -6.29 -9.78
C LYS A 99 -3.89 -6.25 -9.79
N ALA A 100 -3.62 -7.34 -10.52
CA ALA A 100 -2.37 -7.40 -11.28
C ALA A 100 -2.61 -6.95 -12.72
N SER A 101 -2.70 -5.65 -13.01
N SER A 101 -2.65 -5.63 -12.87
CA SER A 101 -3.00 -5.16 -14.34
CA SER A 101 -2.92 -5.04 -14.16
C SER A 101 -1.89 -5.45 -15.35
C SER A 101 -1.93 -5.49 -15.24
N ALA A 102 -0.65 -5.59 -14.89
CA ALA A 102 0.40 -6.17 -15.74
C ALA A 102 1.08 -7.26 -14.90
N PRO A 103 0.54 -8.50 -15.00
N PRO A 103 0.65 -8.52 -15.05
CA PRO A 103 1.11 -9.60 -14.21
CA PRO A 103 1.19 -9.55 -14.16
C PRO A 103 2.59 -9.77 -14.52
C PRO A 103 2.61 -9.91 -14.56
N HIS A 104 3.39 -10.18 -13.53
CA HIS A 104 4.82 -10.43 -13.74
C HIS A 104 5.34 -11.52 -12.82
N ALA A 105 6.38 -12.21 -13.29
CA ALA A 105 7.16 -13.12 -12.44
C ALA A 105 7.55 -12.38 -11.17
N THR A 106 7.31 -13.03 -10.03
CA THR A 106 7.38 -12.40 -8.72
C THR A 106 8.45 -12.98 -7.86
N ARG A 107 9.28 -12.10 -7.28
N ARG A 107 9.24 -12.10 -7.21
CA ARG A 107 10.22 -12.48 -6.23
CA ARG A 107 10.17 -12.54 -6.17
C ARG A 107 9.49 -12.58 -4.89
C ARG A 107 9.43 -12.65 -4.84
N TYR A 108 8.77 -11.54 -4.47
CA TYR A 108 7.96 -11.57 -3.27
C TYR A 108 6.90 -10.44 -3.33
N PHE A 109 5.88 -10.67 -2.50
CA PHE A 109 5.04 -9.60 -1.94
C PHE A 109 5.34 -9.54 -0.45
N ASP A 110 5.90 -8.45 0.03
CA ASP A 110 6.22 -8.23 1.43
C ASP A 110 5.20 -7.23 2.00
N PHE A 111 4.80 -7.49 3.25
CA PHE A 111 3.81 -6.66 3.93
C PHE A 111 4.44 -6.15 5.24
N TYR A 112 4.62 -4.82 5.32
CA TYR A 112 5.11 -4.14 6.51
C TYR A 112 3.93 -3.50 7.25
N ILE A 113 4.12 -3.25 8.55
CA ILE A 113 3.08 -2.60 9.35
C ILE A 113 3.70 -1.45 10.14
N THR A 114 2.91 -0.40 10.33
CA THR A 114 3.27 0.68 11.23
C THR A 114 3.43 0.17 12.66
N LYS A 115 4.38 0.79 13.35
CA LYS A 115 4.65 0.53 14.77
C LYS A 115 3.45 0.95 15.62
N ASP A 116 3.32 0.31 16.78
CA ASP A 116 2.36 0.71 17.77
C ASP A 116 2.53 2.23 18.04
N GLY A 117 1.40 2.91 18.19
CA GLY A 117 1.41 4.34 18.50
C GLY A 117 1.56 5.26 17.32
N TYR A 118 1.78 4.77 16.11
CA TYR A 118 2.04 5.64 14.96
C TYR A 118 0.94 6.66 14.78
N ASN A 119 1.34 7.94 14.77
N ASN A 119 1.37 7.95 14.75
CA ASN A 119 0.47 9.08 14.62
CA ASN A 119 0.43 9.04 14.59
C ASN A 119 0.40 9.41 13.15
C ASN A 119 0.37 9.49 13.14
N PRO A 120 -0.78 9.36 12.47
CA PRO A 120 -0.82 9.61 11.03
C PRO A 120 -0.56 11.05 10.62
N GLU A 121 -0.53 12.00 11.59
CA GLU A 121 -0.06 13.33 11.32
C GLU A 121 1.43 13.45 11.15
N LYS A 122 2.18 12.37 11.33
CA LYS A 122 3.59 12.32 11.07
C LYS A 122 3.81 11.78 9.64
N PRO A 123 4.55 12.46 8.77
CA PRO A 123 4.85 11.89 7.43
C PRO A 123 5.44 10.50 7.54
N LEU A 124 4.97 9.55 6.75
CA LEU A 124 5.31 8.15 6.92
C LEU A 124 6.75 7.87 6.48
N ALA A 125 7.51 7.29 7.38
CA ALA A 125 8.91 6.92 7.16
C ALA A 125 9.10 5.41 7.33
N TRP A 126 10.19 4.91 6.75
CA TRP A 126 10.50 3.50 6.97
C TRP A 126 10.65 3.15 8.44
N SER A 127 11.22 4.04 9.25
N SER A 127 11.15 4.17 9.19
CA SER A 127 11.36 3.80 10.67
CA SER A 127 11.40 3.94 10.61
C SER A 127 10.06 3.81 11.45
C SER A 127 10.11 3.97 11.43
N ASP A 128 8.99 4.30 10.81
CA ASP A 128 7.66 4.15 11.41
C ASP A 128 7.07 2.76 11.21
N LEU A 129 7.72 1.94 10.36
CA LEU A 129 7.32 0.59 10.13
C LEU A 129 8.22 -0.29 10.93
N GLU A 130 7.68 -1.43 11.38
CA GLU A 130 8.63 -2.41 11.95
C GLU A 130 9.68 -2.75 10.87
N PRO A 131 10.97 -2.99 11.22
N PRO A 131 10.86 -3.10 11.37
CA PRO A 131 12.00 -3.25 10.22
CA PRO A 131 11.97 -3.42 10.51
C PRO A 131 11.75 -4.46 9.35
C PRO A 131 11.47 -4.34 9.39
N ALA A 132 11.14 -5.53 9.91
CA ALA A 132 10.88 -6.80 9.19
C ALA A 132 9.40 -6.84 8.80
N PRO A 133 9.08 -7.36 7.60
CA PRO A 133 7.68 -7.52 7.21
C PRO A 133 6.97 -8.55 8.09
N PHE A 134 5.66 -8.37 8.34
CA PHE A 134 4.87 -9.35 9.09
C PHE A 134 4.41 -10.54 8.22
N CYS A 135 4.43 -10.36 6.89
CA CYS A 135 4.01 -11.40 5.93
C CYS A 135 4.96 -11.26 4.73
N SER A 136 5.44 -12.37 4.20
N SER A 136 5.47 -12.38 4.27
CA SER A 136 6.32 -12.37 3.01
CA SER A 136 6.25 -12.49 3.06
C SER A 136 5.90 -13.58 2.16
C SER A 136 5.65 -13.63 2.24
N ILE A 137 5.28 -13.30 1.03
CA ILE A 137 4.73 -14.27 0.08
C ILE A 137 5.70 -14.41 -1.08
N THR A 138 6.24 -15.61 -1.30
CA THR A 138 7.21 -15.84 -2.35
C THR A 138 6.68 -16.68 -3.49
N SER A 139 5.45 -17.13 -3.45
CA SER A 139 4.79 -17.87 -4.49
C SER A 139 3.34 -17.36 -4.68
N VAL A 140 3.03 -16.87 -5.87
CA VAL A 140 1.70 -16.41 -6.19
C VAL A 140 1.29 -17.02 -7.51
N LYS A 141 -0.02 -17.20 -7.65
CA LYS A 141 -0.67 -17.74 -8.85
C LYS A 141 -1.62 -16.67 -9.42
N LEU A 142 -1.52 -16.37 -10.69
CA LEU A 142 -2.48 -15.44 -11.30
C LEU A 142 -3.85 -16.13 -11.42
N GLU A 143 -4.88 -15.55 -10.83
CA GLU A 143 -6.25 -16.08 -10.82
C GLU A 143 -7.16 -14.93 -11.18
N ASN A 144 -7.83 -15.01 -12.35
CA ASN A 144 -8.73 -13.93 -12.80
C ASN A 144 -8.09 -12.56 -12.68
N GLY A 145 -6.79 -12.45 -13.09
CA GLY A 145 -6.18 -11.12 -13.12
C GLY A 145 -5.76 -10.62 -11.74
N THR A 146 -5.66 -11.50 -10.77
CA THR A 146 -5.34 -11.13 -9.42
C THR A 146 -4.38 -12.12 -8.80
N TYR A 147 -3.74 -11.71 -7.70
CA TYR A 147 -3.07 -12.62 -6.78
C TYR A 147 -3.84 -12.62 -5.46
N ARG A 148 -4.27 -13.81 -5.04
CA ARG A 148 -4.99 -14.01 -3.78
C ARG A 148 -3.94 -14.54 -2.79
N MET A 149 -3.61 -13.79 -1.75
N MET A 149 -3.70 -13.81 -1.71
CA MET A 149 -2.53 -14.16 -0.87
CA MET A 149 -2.58 -14.07 -0.83
C MET A 149 -2.96 -14.19 0.60
C MET A 149 -3.08 -14.21 0.58
N ASN A 150 -2.72 -15.32 1.23
CA ASN A 150 -3.13 -15.51 2.63
C ASN A 150 -2.00 -15.11 3.58
N CYS A 151 -2.26 -14.16 4.41
CA CYS A 151 -1.28 -13.69 5.37
C CYS A 151 -1.86 -13.74 6.77
N PRO A 152 -1.00 -14.11 7.72
CA PRO A 152 -1.37 -13.79 9.08
C PRO A 152 -1.33 -12.26 9.23
N LEU A 153 -2.16 -11.70 10.09
CA LEU A 153 -2.07 -10.31 10.44
C LEU A 153 -1.14 -10.09 11.62
N PRO A 154 -0.62 -8.87 11.78
CA PRO A 154 0.31 -8.62 12.87
C PRO A 154 -0.39 -8.77 14.20
N GLN A 155 0.23 -9.51 15.07
CA GLN A 155 -0.36 -9.88 16.33
C GLN A 155 -0.28 -8.75 17.36
N GLY A 156 -1.45 -8.54 17.99
CA GLY A 156 -1.54 -7.50 18.99
C GLY A 156 -1.67 -6.08 18.47
N LYS A 157 -1.56 -5.83 17.20
N LYS A 157 -2.00 -5.90 17.21
CA LYS A 157 -1.73 -4.54 16.56
CA LYS A 157 -2.38 -4.57 16.79
C LYS A 157 -3.18 -4.06 16.70
C LYS A 157 -3.79 -4.11 17.13
N THR A 158 -3.40 -2.80 17.14
N THR A 158 -3.87 -2.83 17.49
CA THR A 158 -4.71 -2.24 17.39
CA THR A 158 -5.14 -2.16 17.76
C THR A 158 -4.91 -0.85 16.76
C THR A 158 -5.05 -0.83 17.03
N GLY A 159 -6.12 -0.58 16.34
CA GLY A 159 -6.44 0.75 15.85
C GLY A 159 -6.05 0.98 14.39
N LYS A 160 -6.02 2.25 14.04
N LYS A 160 -6.00 2.26 14.05
N LYS A 160 -6.10 2.25 13.94
CA LYS A 160 -5.74 2.67 12.66
CA LYS A 160 -5.67 2.62 12.68
CA LYS A 160 -5.85 2.61 12.54
C LYS A 160 -4.25 2.60 12.38
C LYS A 160 -4.18 2.54 12.41
C LYS A 160 -4.34 2.57 12.33
N HIS A 161 -3.87 1.97 11.24
CA HIS A 161 -2.52 1.68 10.88
C HIS A 161 -2.36 1.75 9.35
N VAL A 162 -1.12 1.67 8.89
CA VAL A 162 -0.81 1.50 7.47
C VAL A 162 -0.10 0.16 7.28
N ILE A 163 -0.65 -0.66 6.36
CA ILE A 163 0.10 -1.79 5.81
C ILE A 163 0.82 -1.30 4.57
N TYR A 164 2.12 -1.51 4.50
CA TYR A 164 2.93 -1.07 3.35
C TYR A 164 3.33 -2.34 2.58
N ASN A 165 2.70 -2.54 1.42
CA ASN A 165 2.96 -3.69 0.60
C ASN A 165 3.97 -3.35 -0.49
N VAL A 166 4.94 -4.25 -0.65
CA VAL A 166 6.02 -4.11 -1.64
C VAL A 166 5.97 -5.35 -2.54
N TRP A 167 5.82 -5.13 -3.85
CA TRP A 167 5.85 -6.20 -4.85
C TRP A 167 7.17 -6.08 -5.59
N GLN A 168 8.09 -7.05 -5.38
CA GLN A 168 9.36 -7.10 -6.07
C GLN A 168 9.27 -8.13 -7.20
N ARG A 169 9.47 -7.69 -8.44
CA ARG A 169 9.55 -8.63 -9.56
C ARG A 169 10.82 -9.45 -9.46
N SER A 170 10.75 -10.68 -10.04
CA SER A 170 11.94 -11.53 -10.13
C SER A 170 12.62 -11.46 -11.51
N ASP A 171 11.93 -10.95 -12.51
CA ASP A 171 12.42 -10.87 -13.88
C ASP A 171 12.99 -9.49 -14.21
N SER A 172 12.98 -8.59 -13.26
CA SER A 172 13.32 -7.18 -13.45
C SER A 172 13.61 -6.62 -12.07
N PRO A 173 14.41 -5.55 -11.96
CA PRO A 173 14.58 -4.86 -10.67
C PRO A 173 13.36 -4.05 -10.25
N GLU A 174 12.38 -3.89 -11.08
CA GLU A 174 11.25 -3.01 -10.74
C GLU A 174 10.40 -3.60 -9.58
N ALA A 175 9.98 -2.66 -8.72
CA ALA A 175 9.07 -2.95 -7.62
C ALA A 175 7.91 -1.96 -7.62
N PHE A 176 6.81 -2.37 -7.01
CA PHE A 176 5.59 -1.59 -6.85
C PHE A 176 5.24 -1.48 -5.37
N TYR A 177 4.61 -0.34 -5.01
CA TYR A 177 4.41 0.00 -3.60
C TYR A 177 2.95 0.40 -3.36
N ALA A 178 2.35 -0.19 -2.33
CA ALA A 178 0.94 0.08 -2.00
C ALA A 178 0.81 0.30 -0.49
N CYS A 179 0.65 1.58 -0.08
CA CYS A 179 0.10 1.86 1.24
C CYS A 179 -1.35 1.42 1.26
N ILE A 180 -1.76 0.76 2.34
CA ILE A 180 -3.13 0.28 2.52
C ILE A 180 -3.55 0.73 3.93
N ASP A 181 -4.56 1.60 4.01
CA ASP A 181 -5.01 2.13 5.29
C ASP A 181 -6.03 1.14 5.88
N VAL A 182 -5.77 0.71 7.12
CA VAL A 182 -6.60 -0.31 7.75
C VAL A 182 -6.82 0.06 9.23
N SER A 183 -7.76 -0.65 9.84
N SER A 183 -7.74 -0.68 9.85
CA SER A 183 -7.83 -0.64 11.30
CA SER A 183 -7.97 -0.60 11.30
C SER A 183 -8.02 -2.07 11.80
C SER A 183 -8.16 -1.99 11.90
N PHE A 184 -7.49 -2.28 13.01
CA PHE A 184 -7.59 -3.54 13.71
C PHE A 184 -8.42 -3.41 14.97
N SER A 185 -9.26 -4.40 15.23
CA SER A 185 -10.10 -4.42 16.40
C SER A 185 -9.27 -4.74 17.62
N GLY A 186 -9.71 -4.32 18.79
CA GLY A 186 -9.11 -4.75 20.06
C GLY A 186 -9.25 -6.26 20.31
CL CL B . -14.63 -17.36 8.67
#